data_6VGD
#
_entry.id   6VGD
#
_cell.length_a   104.513
_cell.length_b   104.513
_cell.length_c   322.040
_cell.angle_alpha   90.000
_cell.angle_beta   90.000
_cell.angle_gamma   120.000
#
_symmetry.space_group_name_H-M   'P 62 2 2'
#
loop_
_entity.id
_entity.type
_entity.pdbx_description
1 polymer 'Friend leukemia integration 1 transcription factor'
2 polymer "DNA (5'-D(P*CP*AP*GP*AP*GP*GP*AP*TP*GP*TP*GP*GP*CP*TP*TP*C)-3')"
3 polymer "DNA (5'-D(P*GP*AP*AP*GP*CP*CP*AP*CP*AP*TP*CP*CP*TP*CP*TP*G)-3')"
4 polymer 'Runt-related transcription factor 2'
5 polymer 'Core-binding factor subunit beta'
#
loop_
_entity_poly.entity_id
_entity_poly.type
_entity_poly.pdbx_seq_one_letter_code
_entity_poly.pdbx_strand_id
1 'polypeptide(L)'
;GPHMPGSGQIQLWQFLLELLSDSANASCITWEGTNGEFKMTDPDEVARRWGERKSKPNMNYDKLSRALRYYYDKNIMTKV
HGKRYAYKFDFHGIAQALQPHPTE
;
A
2 'polydeoxyribonucleotide' (DC)(DA)(DG)(DA)(DG)(DG)(DA)(DT)(DG)(DT)(DG)(DG)(DC)(DT)(DT)(DC) B
3 'polydeoxyribonucleotide' (DG)(DA)(DA)(DG)(DC)(DC)(DA)(DC)(DA)(DT)(DC)(DC)(DT)(DC)(DT)(DG) C
4 'polypeptide(L)'
;AELVRTDSPNFLCSVLPSHWRCNKTLPVAFKVVALGEVPDGTVVTVMAGNDENYSAELRNASAVMKNQVARFNDLRFVGR
SGRGKSFTLTITVFTNPPQVATYHRAIKVTVDGPREPRRHRQKLDDSKPSLFSDRLSDLGRIPHPSMRVGVPPQNPRPSL
NSAPSPFNPQGQSQITD
;
D
5 'polypeptide(L)'
;MGSSHHHHHHSQDPMPRVVPDQRSKFENEEFFRKLSRECEIKYTGFRDRPHEERQARFQNACRDGRSEIAFVATGTNLSL
QFFPASWQGEQRQTPSREYVDLEREAGKVYLKAPMILNGVCVIWKGWIDLQRLDGMGCLEFDEERAQQEDALAQQA
;
G
#
loop_
_chem_comp.id
_chem_comp.type
_chem_comp.name
_chem_comp.formula
DA DNA linking 2'-DEOXYADENOSINE-5'-MONOPHOSPHATE 'C10 H14 N5 O6 P'
DC DNA linking 2'-DEOXYCYTIDINE-5'-MONOPHOSPHATE 'C9 H14 N3 O7 P'
DG DNA linking 2'-DEOXYGUANOSINE-5'-MONOPHOSPHATE 'C10 H14 N5 O7 P'
DT DNA linking THYMIDINE-5'-MONOPHOSPHATE 'C10 H15 N2 O8 P'
#
# COMPACT_ATOMS: atom_id res chain seq x y z
N MET A 4 3.20 27.24 -3.26
CA MET A 4 3.62 25.88 -2.76
C MET A 4 5.06 26.01 -2.25
N PRO A 5 5.60 25.04 -1.46
CA PRO A 5 6.85 25.26 -0.72
C PRO A 5 8.06 25.48 -1.64
N GLY A 6 7.85 25.55 -2.96
CA GLY A 6 8.79 26.14 -3.93
C GLY A 6 9.02 27.62 -3.68
N SER A 7 7.98 28.32 -3.25
CA SER A 7 7.96 29.76 -2.87
C SER A 7 9.04 30.08 -1.82
N GLY A 8 8.90 29.51 -0.61
CA GLY A 8 9.66 29.88 0.61
C GLY A 8 11.07 29.33 0.60
N GLN A 9 11.23 28.01 0.43
CA GLN A 9 12.53 27.29 0.37
C GLN A 9 12.93 27.04 -1.08
N ILE A 10 14.22 27.20 -1.37
CA ILE A 10 14.85 27.21 -2.73
C ILE A 10 14.81 25.79 -3.32
N GLN A 11 14.57 25.67 -4.61
CA GLN A 11 14.50 24.37 -5.34
C GLN A 11 15.73 24.26 -6.25
N LEU A 12 15.78 23.26 -7.13
CA LEU A 12 16.68 23.25 -8.32
C LEU A 12 16.00 23.96 -9.49
N TRP A 13 14.94 23.35 -10.02
CA TRP A 13 14.19 23.80 -11.22
C TRP A 13 13.78 25.27 -11.04
N GLN A 14 13.38 25.69 -9.82
CA GLN A 14 13.07 27.11 -9.47
C GLN A 14 14.37 27.93 -9.52
N PHE A 15 15.49 27.34 -9.07
CA PHE A 15 16.82 28.01 -9.01
C PHE A 15 17.50 27.99 -10.38
N LEU A 16 17.64 26.79 -10.97
CA LEU A 16 18.28 26.54 -12.29
C LEU A 16 17.83 27.59 -13.30
N LEU A 17 16.54 27.96 -13.24
CA LEU A 17 15.90 28.87 -14.23
C LEU A 17 15.99 30.32 -13.74
N GLU A 18 16.92 30.62 -12.83
CA GLU A 18 17.37 32.00 -12.49
C GLU A 18 18.52 32.37 -13.43
N LEU A 19 18.99 31.37 -14.17
CA LEU A 19 20.27 31.35 -14.90
C LEU A 19 20.00 31.21 -16.40
N LEU A 20 18.94 30.48 -16.79
CA LEU A 20 18.38 30.40 -18.17
C LEU A 20 17.91 31.78 -18.62
N SER A 21 16.87 32.31 -17.95
CA SER A 21 16.17 33.58 -18.30
C SER A 21 17.16 34.75 -18.25
N ASP A 22 18.03 34.77 -17.23
CA ASP A 22 19.08 35.81 -17.03
C ASP A 22 20.17 35.64 -18.10
N SER A 23 20.39 36.71 -18.89
CA SER A 23 21.35 36.80 -20.02
C SER A 23 22.80 36.71 -19.52
N ALA A 24 23.07 37.15 -18.29
CA ALA A 24 24.43 37.37 -17.72
C ALA A 24 25.02 36.06 -17.16
N ASN A 25 24.24 34.98 -17.15
CA ASN A 25 24.65 33.65 -16.61
C ASN A 25 24.73 32.62 -17.73
N ALA A 26 24.57 33.04 -18.99
CA ALA A 26 24.67 32.17 -20.18
C ALA A 26 26.12 31.68 -20.31
N SER A 27 27.04 32.25 -19.53
CA SER A 27 28.44 31.78 -19.32
C SER A 27 28.44 30.30 -18.95
N CYS A 28 27.34 29.79 -18.38
CA CYS A 28 27.25 28.46 -17.74
C CYS A 28 26.04 27.62 -18.20
N ILE A 29 25.14 28.16 -19.03
CA ILE A 29 23.92 27.44 -19.51
C ILE A 29 23.26 28.24 -20.63
N THR A 30 22.20 27.71 -21.25
CA THR A 30 21.37 28.44 -22.24
C THR A 30 20.12 27.62 -22.59
N TRP A 31 18.99 28.28 -22.85
CA TRP A 31 17.85 27.71 -23.61
C TRP A 31 18.39 27.15 -24.93
N GLU A 32 18.06 25.91 -25.26
CA GLU A 32 18.39 25.31 -26.58
C GLU A 32 17.08 25.16 -27.36
N GLY A 33 16.68 26.23 -28.05
CA GLY A 33 15.64 26.20 -29.09
C GLY A 33 14.32 26.76 -28.61
N THR A 34 13.31 26.67 -29.49
CA THR A 34 11.90 27.11 -29.26
C THR A 34 11.26 26.21 -28.21
N ASN A 35 11.45 24.89 -28.33
CA ASN A 35 10.86 23.87 -27.43
C ASN A 35 11.68 23.86 -26.13
N GLY A 36 11.08 23.40 -25.03
CA GLY A 36 11.78 23.22 -23.74
C GLY A 36 13.02 22.37 -23.93
N GLU A 37 14.20 22.98 -23.82
CA GLU A 37 15.52 22.27 -23.77
C GLU A 37 16.51 23.21 -23.08
N PHE A 38 17.66 22.69 -22.63
CA PHE A 38 18.74 23.50 -22.00
C PHE A 38 20.10 22.81 -22.07
N LYS A 39 21.13 23.62 -22.33
CA LYS A 39 22.54 23.18 -22.48
C LYS A 39 23.17 23.29 -21.08
N MET A 40 24.37 22.73 -20.90
CA MET A 40 25.12 22.76 -19.63
C MET A 40 26.55 23.18 -19.95
N THR A 41 26.95 24.41 -19.65
CA THR A 41 28.23 24.98 -20.15
C THR A 41 29.40 24.39 -19.36
N ASP A 42 29.69 24.93 -18.17
CA ASP A 42 30.63 24.29 -17.22
C ASP A 42 29.83 23.32 -16.35
N PRO A 43 30.02 21.99 -16.51
CA PRO A 43 29.22 21.03 -15.77
C PRO A 43 29.50 21.06 -14.26
N ASP A 44 30.60 21.70 -13.83
CA ASP A 44 31.10 21.65 -12.44
C ASP A 44 31.30 23.08 -11.89
N GLU A 45 30.95 24.12 -12.64
CA GLU A 45 30.77 25.50 -12.10
C GLU A 45 29.29 25.66 -11.74
N VAL A 46 28.41 25.03 -12.54
CA VAL A 46 26.94 24.85 -12.31
C VAL A 46 26.75 24.35 -10.87
N ALA A 47 27.13 23.10 -10.63
CA ALA A 47 27.05 22.43 -9.33
C ALA A 47 27.62 23.34 -8.23
N ARG A 48 28.72 24.04 -8.53
CA ARG A 48 29.47 24.88 -7.55
C ARG A 48 28.54 25.92 -6.90
N ARG A 49 27.81 26.67 -7.72
CA ARG A 49 26.91 27.76 -7.24
C ARG A 49 25.70 27.16 -6.50
N TRP A 50 25.24 25.99 -6.93
CA TRP A 50 24.15 25.23 -6.27
C TRP A 50 24.62 24.80 -4.88
N GLY A 51 25.94 24.61 -4.72
CA GLY A 51 26.61 24.49 -3.42
C GLY A 51 26.63 25.82 -2.69
N GLU A 52 26.99 26.90 -3.39
CA GLU A 52 27.07 28.29 -2.84
C GLU A 52 25.74 28.65 -2.17
N ARG A 53 24.61 28.27 -2.79
CA ARG A 53 23.23 28.54 -2.29
C ARG A 53 22.90 27.56 -1.16
N LYS A 54 23.04 26.26 -1.44
CA LYS A 54 22.64 25.16 -0.52
C LYS A 54 23.56 25.14 0.72
N SER A 55 24.64 25.92 0.71
CA SER A 55 25.67 26.00 1.78
C SER A 55 26.43 24.66 1.85
N LYS A 56 26.48 23.94 0.72
CA LYS A 56 26.99 22.55 0.59
C LYS A 56 28.26 22.56 -0.25
N PRO A 57 29.46 22.84 0.35
CA PRO A 57 30.68 23.05 -0.43
C PRO A 57 31.17 21.80 -1.16
N ASN A 58 30.80 20.62 -0.66
CA ASN A 58 31.17 19.28 -1.20
C ASN A 58 30.53 19.06 -2.58
N MET A 59 29.51 19.84 -2.95
CA MET A 59 28.66 19.63 -4.15
C MET A 59 29.52 19.48 -5.42
N ASN A 60 29.10 18.58 -6.34
CA ASN A 60 29.65 18.39 -7.71
C ASN A 60 28.48 18.12 -8.67
N TYR A 61 28.75 17.81 -9.94
CA TYR A 61 27.72 17.42 -10.96
C TYR A 61 27.00 16.14 -10.50
N ASP A 62 27.75 15.05 -10.34
CA ASP A 62 27.24 13.71 -9.92
C ASP A 62 26.12 13.90 -8.89
N LYS A 63 26.28 14.84 -7.95
CA LYS A 63 25.36 15.04 -6.81
C LYS A 63 24.07 15.74 -7.27
N LEU A 64 24.22 16.97 -7.73
CA LEU A 64 23.13 17.78 -8.33
C LEU A 64 22.37 16.92 -9.37
N SER A 65 23.10 16.24 -10.25
CA SER A 65 22.57 15.43 -11.38
C SER A 65 21.56 14.40 -10.88
N ARG A 66 21.94 13.60 -9.89
CA ARG A 66 21.06 12.55 -9.30
C ARG A 66 19.71 13.17 -8.99
N ALA A 67 19.72 14.26 -8.21
CA ALA A 67 18.52 15.03 -7.83
C ALA A 67 17.65 15.22 -9.08
N LEU A 68 18.26 15.61 -10.21
CA LEU A 68 17.55 15.91 -11.48
C LEU A 68 16.94 14.65 -12.07
N ARG A 69 17.60 13.50 -11.89
CA ARG A 69 17.18 12.21 -12.50
C ARG A 69 15.98 11.65 -11.73
N TYR A 70 15.75 12.11 -10.48
CA TYR A 70 14.51 11.84 -9.70
C TYR A 70 13.30 12.37 -10.47
N TYR A 71 13.45 13.56 -11.05
CA TYR A 71 12.36 14.38 -11.64
C TYR A 71 11.59 13.56 -12.68
N TYR A 72 12.27 12.58 -13.28
CA TYR A 72 11.79 11.73 -14.41
C TYR A 72 10.46 11.08 -14.02
N ASP A 73 10.48 10.35 -12.90
CA ASP A 73 9.37 9.51 -12.40
C ASP A 73 8.21 10.41 -11.97
N LYS A 74 8.48 11.69 -11.68
CA LYS A 74 7.50 12.67 -11.15
C LYS A 74 6.97 13.56 -12.29
N ASN A 75 7.63 13.54 -13.46
CA ASN A 75 7.18 14.23 -14.70
C ASN A 75 7.32 15.75 -14.52
N ILE A 76 8.48 16.20 -14.04
CA ILE A 76 8.88 17.64 -13.98
C ILE A 76 9.63 17.99 -15.26
N MET A 77 10.66 17.20 -15.56
CA MET A 77 11.53 17.35 -16.76
C MET A 77 11.91 15.96 -17.29
N THR A 78 12.68 15.91 -18.38
CA THR A 78 13.09 14.66 -19.09
C THR A 78 14.41 14.89 -19.81
N LYS A 79 15.04 13.81 -20.26
CA LYS A 79 16.39 13.80 -20.89
C LYS A 79 16.27 13.87 -22.42
N VAL A 80 17.14 14.66 -23.05
CA VAL A 80 17.40 14.62 -24.51
C VAL A 80 18.52 13.58 -24.71
N HIS A 81 18.15 12.40 -25.22
CA HIS A 81 18.97 11.15 -25.17
C HIS A 81 20.26 11.34 -25.98
N GLY A 82 21.39 11.04 -25.35
CA GLY A 82 22.71 10.96 -26.01
C GLY A 82 23.43 12.30 -26.02
N LYS A 83 22.71 13.41 -25.81
CA LYS A 83 23.27 14.78 -25.84
C LYS A 83 24.09 15.04 -24.57
N ARG A 84 25.31 15.59 -24.70
CA ARG A 84 26.19 15.76 -23.51
C ARG A 84 25.60 16.87 -22.64
N TYR A 85 24.87 16.46 -21.60
CA TYR A 85 24.36 17.31 -20.48
C TYR A 85 23.22 18.22 -20.94
N ALA A 86 22.17 17.68 -21.57
CA ALA A 86 20.97 18.44 -21.98
C ALA A 86 19.70 17.64 -21.68
N TYR A 87 18.83 18.23 -20.85
CA TYR A 87 17.48 17.76 -20.46
C TYR A 87 16.45 18.81 -20.90
N LYS A 88 15.20 18.69 -20.47
CA LYS A 88 14.13 19.68 -20.80
C LYS A 88 13.00 19.61 -19.78
N PHE A 89 12.30 20.74 -19.58
CA PHE A 89 11.22 20.89 -18.58
C PHE A 89 9.87 20.49 -19.17
N ASP A 90 9.08 19.75 -18.38
CA ASP A 90 7.68 19.38 -18.66
C ASP A 90 6.80 20.34 -17.85
N PHE A 91 6.16 21.30 -18.51
CA PHE A 91 5.37 22.37 -17.86
C PHE A 91 3.89 21.94 -17.82
N HIS A 92 3.41 21.27 -18.89
CA HIS A 92 2.07 20.64 -19.03
C HIS A 92 1.81 19.68 -17.84
N GLY A 93 2.85 19.44 -17.03
CA GLY A 93 2.82 18.63 -15.79
C GLY A 93 3.23 19.41 -14.55
N ILE A 94 4.02 20.49 -14.64
CA ILE A 94 4.40 21.37 -13.49
C ILE A 94 3.14 22.00 -12.87
N ALA A 95 2.06 22.11 -13.65
CA ALA A 95 0.81 22.80 -13.28
C ALA A 95 -0.23 21.81 -12.75
N GLN A 96 -0.05 20.52 -13.00
CA GLN A 96 -0.75 19.42 -12.28
C GLN A 96 0.02 19.15 -10.98
N ALA A 97 1.33 19.46 -10.99
CA ALA A 97 2.25 19.34 -9.84
C ALA A 97 2.24 20.63 -9.02
N LEU A 98 1.49 21.66 -9.45
CA LEU A 98 1.34 22.92 -8.70
C LEU A 98 -0.15 23.28 -8.57
N GLN A 99 -1.04 22.50 -9.21
CA GLN A 99 -2.51 22.65 -9.15
C GLN A 99 -3.18 21.31 -9.46
N PRO A 100 -4.44 21.11 -9.00
CA PRO A 100 -5.23 19.90 -9.24
C PRO A 100 -6.01 19.79 -10.57
N HIS A 101 -6.99 18.88 -10.63
CA HIS A 101 -7.91 18.71 -11.77
C HIS A 101 -9.28 18.22 -11.26
N ALA D 1 14.88 -16.83 14.24
CA ALA D 1 14.16 -15.53 14.36
C ALA D 1 13.18 -15.55 15.54
N GLU D 2 12.63 -14.40 15.92
CA GLU D 2 11.70 -14.22 17.07
C GLU D 2 10.26 -14.08 16.57
N LEU D 3 9.27 -14.59 17.33
CA LEU D 3 7.82 -14.56 16.97
C LEU D 3 7.04 -13.68 17.95
N VAL D 4 5.75 -13.45 17.63
CA VAL D 4 4.75 -12.71 18.46
C VAL D 4 3.35 -13.31 18.23
N ARG D 5 2.45 -13.11 19.19
CA ARG D 5 1.03 -13.55 19.16
C ARG D 5 0.30 -13.03 17.93
N THR D 6 -0.95 -13.46 17.76
CA THR D 6 -1.91 -13.03 16.71
C THR D 6 -3.30 -12.98 17.32
N ASP D 7 -4.32 -12.66 16.52
CA ASP D 7 -5.75 -12.64 16.93
C ASP D 7 -6.38 -13.98 16.54
N SER D 8 -5.66 -14.81 15.76
CA SER D 8 -5.95 -16.25 15.56
C SER D 8 -4.79 -17.04 16.15
N PRO D 9 -4.98 -17.76 17.27
CA PRO D 9 -3.86 -18.41 17.96
C PRO D 9 -3.34 -19.62 17.17
N ASN D 10 -3.85 -19.85 15.96
CA ASN D 10 -3.44 -20.96 15.05
C ASN D 10 -2.23 -20.54 14.20
N PHE D 11 -1.93 -19.24 14.13
CA PHE D 11 -0.83 -18.68 13.29
C PHE D 11 -0.09 -17.58 14.06
N LEU D 12 1.21 -17.45 13.78
CA LEU D 12 2.10 -16.41 14.34
C LEU D 12 3.00 -15.84 13.25
N CYS D 13 3.61 -14.68 13.52
CA CYS D 13 4.42 -13.90 12.54
C CYS D 13 5.54 -13.14 13.26
N SER D 14 6.38 -12.45 12.48
CA SER D 14 7.61 -11.76 12.94
C SER D 14 7.26 -10.58 13.87
N VAL D 15 8.24 -10.16 14.66
CA VAL D 15 8.21 -8.90 15.46
C VAL D 15 8.60 -7.75 14.53
N LEU D 16 7.63 -7.20 13.81
CA LEU D 16 7.81 -6.03 12.91
C LEU D 16 7.96 -4.79 13.78
N PRO D 17 9.11 -4.07 13.72
CA PRO D 17 9.47 -3.12 14.77
C PRO D 17 8.47 -1.95 14.89
N SER D 18 8.59 -1.22 16.01
CA SER D 18 7.71 -0.08 16.38
C SER D 18 7.47 0.84 15.18
N HIS D 19 8.52 1.55 14.74
CA HIS D 19 8.47 2.66 13.75
C HIS D 19 9.63 2.52 12.75
N TRP D 20 9.32 2.62 11.46
CA TRP D 20 10.25 2.38 10.32
C TRP D 20 9.95 3.42 9.23
N ARG D 21 10.82 3.49 8.21
CA ARG D 21 10.72 4.39 7.03
C ARG D 21 9.80 3.79 5.97
N CYS D 22 9.13 4.66 5.19
CA CYS D 22 8.30 4.29 4.02
C CYS D 22 9.18 3.57 3.02
N ASN D 23 8.89 2.30 2.76
CA ASN D 23 9.56 1.45 1.75
C ASN D 23 11.04 1.30 2.13
N LYS D 24 11.33 0.39 3.04
CA LYS D 24 12.71 -0.04 3.36
C LYS D 24 12.77 -1.55 3.32
N THR D 25 13.92 -2.06 2.90
CA THR D 25 14.45 -3.39 3.25
C THR D 25 14.28 -3.58 4.76
N LEU D 26 13.24 -4.30 5.19
CA LEU D 26 12.89 -4.58 6.62
C LEU D 26 14.14 -5.02 7.38
N PRO D 27 14.30 -4.66 8.69
CA PRO D 27 15.49 -5.05 9.44
C PRO D 27 15.51 -6.54 9.76
N VAL D 28 14.32 -7.16 9.87
CA VAL D 28 14.12 -8.64 9.92
C VAL D 28 12.97 -9.02 8.97
N ALA D 29 13.26 -9.81 7.93
CA ALA D 29 12.29 -10.28 6.92
C ALA D 29 11.07 -10.85 7.63
N PHE D 30 9.97 -11.06 6.90
CA PHE D 30 8.67 -11.50 7.47
C PHE D 30 8.52 -13.02 7.34
N LYS D 31 8.49 -13.70 8.49
CA LYS D 31 8.09 -15.12 8.64
C LYS D 31 6.63 -15.18 9.12
N VAL D 32 5.85 -16.10 8.58
CA VAL D 32 4.45 -16.38 9.02
C VAL D 32 4.28 -17.88 9.21
N VAL D 33 3.95 -18.30 10.43
CA VAL D 33 4.03 -19.72 10.88
C VAL D 33 2.64 -20.36 10.84
N ALA D 34 2.56 -21.61 10.37
CA ALA D 34 1.36 -22.47 10.34
C ALA D 34 1.50 -23.56 11.40
N LEU D 35 0.78 -23.43 12.52
CA LEU D 35 0.70 -24.44 13.59
C LEU D 35 -0.26 -25.55 13.15
N GLY D 36 -1.46 -25.18 12.71
CA GLY D 36 -2.37 -26.07 11.96
C GLY D 36 -1.69 -26.52 10.68
N GLU D 37 -1.69 -27.83 10.41
CA GLU D 37 -0.98 -28.43 9.24
C GLU D 37 -1.60 -27.87 7.95
N VAL D 38 -0.79 -27.13 7.18
CA VAL D 38 -1.18 -26.41 5.93
C VAL D 38 -0.45 -27.03 4.75
N PRO D 39 -1.14 -27.29 3.61
CA PRO D 39 -0.47 -27.86 2.44
C PRO D 39 0.62 -26.91 1.94
N ASP D 40 1.89 -27.30 2.15
CA ASP D 40 3.10 -26.50 1.81
C ASP D 40 3.07 -26.20 0.30
N GLY D 41 2.66 -24.98 -0.04
CA GLY D 41 2.31 -24.57 -1.41
C GLY D 41 1.18 -23.54 -1.42
N THR D 42 0.36 -23.50 -0.37
CA THR D 42 -0.72 -22.50 -0.16
C THR D 42 -0.11 -21.09 -0.14
N VAL D 43 -0.86 -20.11 -0.64
CA VAL D 43 -0.42 -18.68 -0.78
C VAL D 43 -0.87 -17.91 0.46
N VAL D 44 -0.11 -16.87 0.82
CA VAL D 44 -0.40 -15.96 1.95
C VAL D 44 -0.13 -14.53 1.51
N THR D 45 -1.14 -13.67 1.57
CA THR D 45 -1.04 -12.21 1.26
C THR D 45 -1.41 -11.43 2.52
N VAL D 46 -0.90 -10.20 2.62
CA VAL D 46 -1.18 -9.25 3.75
C VAL D 46 -1.77 -7.96 3.16
N MET D 47 -2.65 -7.31 3.91
CA MET D 47 -3.32 -6.02 3.55
C MET D 47 -3.27 -5.07 4.76
N ALA D 48 -2.59 -3.92 4.62
CA ALA D 48 -2.36 -2.93 5.69
C ALA D 48 -3.67 -2.21 6.01
N GLY D 49 -4.21 -2.46 7.22
CA GLY D 49 -5.50 -1.91 7.67
C GLY D 49 -5.30 -0.75 8.63
N ASN D 50 -5.94 0.40 8.35
CA ASN D 50 -5.87 1.63 9.19
C ASN D 50 -6.99 2.60 8.81
N ASP D 51 -7.74 3.08 9.80
CA ASP D 51 -8.85 4.05 9.67
C ASP D 51 -8.49 5.09 8.58
N GLU D 52 -7.22 5.49 8.50
CA GLU D 52 -6.67 6.39 7.45
C GLU D 52 -5.98 5.57 6.36
N ASN D 53 -6.28 5.90 5.09
CA ASN D 53 -5.79 5.23 3.86
C ASN D 53 -5.82 3.72 4.12
N TYR D 54 -7.03 3.17 3.97
CA TYR D 54 -7.50 1.91 4.59
C TYR D 54 -6.85 0.71 3.91
N SER D 55 -6.28 0.93 2.71
CA SER D 55 -5.43 -0.06 2.00
C SER D 55 -4.18 0.65 1.47
N ALA D 56 -3.08 0.51 2.20
CA ALA D 56 -1.76 1.09 1.86
C ALA D 56 -1.13 0.26 0.75
N GLU D 57 -0.19 0.86 0.03
CA GLU D 57 0.62 0.18 -1.01
C GLU D 57 1.67 -0.67 -0.30
N LEU D 58 1.83 -1.93 -0.74
CA LEU D 58 2.84 -2.88 -0.24
C LEU D 58 3.54 -3.54 -1.42
N ARG D 59 4.73 -4.10 -1.20
CA ARG D 59 5.55 -4.78 -2.25
C ARG D 59 6.01 -6.14 -1.72
N ASN D 60 6.06 -7.14 -2.60
CA ASN D 60 6.28 -8.56 -2.26
C ASN D 60 5.32 -8.93 -1.12
N ALA D 61 4.04 -8.60 -1.30
CA ALA D 61 2.95 -8.72 -0.29
C ALA D 61 2.41 -10.16 -0.27
N SER D 62 2.58 -10.91 -1.37
CA SER D 62 2.17 -12.33 -1.52
C SER D 62 3.38 -13.25 -1.27
N ALA D 63 3.17 -14.37 -0.58
CA ALA D 63 4.22 -15.37 -0.28
C ALA D 63 3.61 -16.78 -0.35
N VAL D 64 4.48 -17.79 -0.45
CA VAL D 64 4.11 -19.22 -0.57
C VAL D 64 4.42 -19.91 0.76
N MET D 65 3.45 -20.63 1.31
CA MET D 65 3.63 -21.54 2.47
C MET D 65 4.58 -22.67 2.05
N LYS D 66 5.64 -22.91 2.83
CA LYS D 66 6.65 -23.97 2.59
C LYS D 66 7.17 -24.45 3.95
N ASN D 67 7.13 -25.77 4.19
CA ASN D 67 7.50 -26.41 5.48
C ASN D 67 6.71 -25.78 6.63
N GLN D 68 5.43 -25.47 6.42
CA GLN D 68 4.49 -24.89 7.43
C GLN D 68 4.96 -23.52 7.90
N VAL D 69 5.79 -22.83 7.11
CA VAL D 69 6.39 -21.51 7.45
C VAL D 69 6.47 -20.67 6.16
N ALA D 70 5.48 -19.81 5.92
CA ALA D 70 5.44 -18.86 4.80
C ALA D 70 6.36 -17.66 5.12
N ARG D 71 7.36 -17.40 4.27
CA ARG D 71 8.32 -16.30 4.42
C ARG D 71 8.20 -15.38 3.20
N PHE D 72 8.37 -14.07 3.42
CA PHE D 72 8.23 -13.01 2.39
C PHE D 72 9.63 -12.52 2.02
N ASN D 73 10.08 -12.85 0.81
CA ASN D 73 11.44 -12.55 0.28
C ASN D 73 11.88 -11.23 0.91
N ASP D 74 11.13 -10.15 0.64
CA ASP D 74 11.21 -8.86 1.37
C ASP D 74 9.90 -8.09 1.17
N LEU D 75 9.01 -8.13 2.16
CA LEU D 75 7.83 -7.23 2.27
C LEU D 75 8.34 -5.81 2.47
N ARG D 76 7.64 -4.82 1.92
CA ARG D 76 7.99 -3.39 2.08
C ARG D 76 6.70 -2.58 2.22
N PHE D 77 6.66 -1.67 3.18
CA PHE D 77 5.49 -0.82 3.51
C PHE D 77 5.67 0.55 2.87
N VAL D 78 4.80 0.89 1.92
CA VAL D 78 4.93 2.12 1.10
C VAL D 78 3.90 3.12 1.61
N GLY D 79 2.61 2.77 1.51
CA GLY D 79 1.49 3.61 1.99
C GLY D 79 1.63 3.91 3.47
N ARG D 80 1.80 5.19 3.83
CA ARG D 80 2.11 5.63 5.21
C ARG D 80 0.83 5.51 6.05
N SER D 81 0.96 5.25 7.35
CA SER D 81 -0.16 5.12 8.32
C SER D 81 -0.58 6.50 8.80
N GLY D 82 0.39 7.34 9.16
CA GLY D 82 0.18 8.69 9.68
C GLY D 82 0.84 8.87 11.03
N ARG D 83 0.62 10.02 11.64
CA ARG D 83 1.21 10.43 12.93
C ARG D 83 0.59 9.60 14.05
N GLY D 84 1.42 9.03 14.92
CA GLY D 84 1.01 8.18 16.07
C GLY D 84 0.28 6.92 15.64
N LYS D 85 -0.14 6.81 14.38
CA LYS D 85 -1.04 5.75 13.87
C LYS D 85 -0.22 4.61 13.26
N SER D 86 -0.64 3.37 13.52
CA SER D 86 0.01 2.13 13.05
C SER D 86 -0.96 1.38 12.12
N PHE D 87 -0.60 0.18 11.66
CA PHE D 87 -1.45 -0.67 10.79
C PHE D 87 -1.96 -1.86 11.60
N THR D 88 -3.27 -2.13 11.50
CA THR D 88 -3.89 -3.43 11.85
C THR D 88 -3.91 -4.28 10.58
N LEU D 89 -2.73 -4.73 10.14
CA LEU D 89 -2.55 -5.46 8.85
C LEU D 89 -3.27 -6.82 8.94
N THR D 90 -4.05 -7.13 7.91
CA THR D 90 -4.79 -8.41 7.73
C THR D 90 -3.84 -9.43 7.08
N ILE D 91 -4.06 -10.72 7.34
CA ILE D 91 -3.18 -11.84 6.90
C ILE D 91 -4.07 -12.98 6.37
N THR D 92 -4.08 -13.17 5.05
CA THR D 92 -4.92 -14.17 4.34
C THR D 92 -4.09 -15.43 4.06
N VAL D 93 -4.74 -16.59 4.19
CA VAL D 93 -4.20 -17.91 3.78
C VAL D 93 -5.19 -18.51 2.75
N PHE D 94 -4.77 -18.59 1.49
CA PHE D 94 -5.59 -19.05 0.34
C PHE D 94 -5.79 -20.57 0.41
N THR D 95 -6.96 -20.98 0.92
CA THR D 95 -7.40 -22.40 1.09
C THR D 95 -8.91 -22.46 0.83
N ASN D 96 -9.58 -23.56 1.19
CA ASN D 96 -11.05 -23.77 1.03
C ASN D 96 -11.67 -24.25 2.34
N PRO D 97 -12.18 -23.36 3.23
CA PRO D 97 -12.15 -21.92 3.03
C PRO D 97 -10.86 -21.25 3.53
N PRO D 98 -10.52 -20.05 3.01
CA PRO D 98 -9.41 -19.26 3.53
C PRO D 98 -9.69 -18.78 4.96
N GLN D 99 -8.63 -18.43 5.69
CA GLN D 99 -8.67 -17.98 7.10
C GLN D 99 -7.79 -16.75 7.27
N VAL D 100 -8.13 -15.89 8.24
CA VAL D 100 -7.39 -14.63 8.53
C VAL D 100 -7.19 -14.44 10.04
N ALA D 101 -6.04 -13.87 10.39
CA ALA D 101 -5.66 -13.36 11.73
C ALA D 101 -5.36 -11.87 11.63
N THR D 102 -6.22 -11.04 12.22
CA THR D 102 -5.97 -9.58 12.38
C THR D 102 -4.75 -9.39 13.28
N TYR D 103 -4.09 -8.23 13.18
CA TYR D 103 -2.86 -7.91 13.94
C TYR D 103 -2.77 -6.40 14.14
N HIS D 104 -3.34 -5.94 15.25
CA HIS D 104 -3.41 -4.53 15.68
C HIS D 104 -2.00 -4.00 15.98
N ARG D 105 -1.80 -2.67 15.85
CA ARG D 105 -0.59 -1.91 16.28
C ARG D 105 0.69 -2.53 15.71
N ALA D 106 0.64 -3.05 14.48
CA ALA D 106 1.75 -3.79 13.82
C ALA D 106 3.01 -2.91 13.75
N ILE D 107 2.95 -1.81 12.98
CA ILE D 107 4.14 -0.95 12.71
C ILE D 107 3.67 0.44 12.26
N LYS D 108 4.41 1.48 12.67
CA LYS D 108 4.19 2.90 12.31
C LYS D 108 5.02 3.21 11.07
N VAL D 109 4.35 3.58 9.98
CA VAL D 109 4.97 3.81 8.64
C VAL D 109 5.00 5.31 8.38
N THR D 110 6.16 5.95 8.55
CA THR D 110 6.37 7.40 8.29
C THR D 110 7.42 7.52 7.19
N VAL D 111 7.84 8.73 6.83
CA VAL D 111 8.84 8.91 5.72
C VAL D 111 10.24 8.72 6.28
N ASP D 112 10.55 9.34 7.43
CA ASP D 112 11.78 9.09 8.21
C ASP D 112 11.56 7.89 9.13
N GLY D 113 12.44 6.89 9.10
CA GLY D 113 12.64 5.98 10.24
C GLY D 113 13.19 6.79 11.40
N PRO D 114 12.97 6.37 12.66
CA PRO D 114 13.25 7.24 13.80
C PRO D 114 14.74 7.62 13.94
N ARG D 115 15.16 8.70 13.30
CA ARG D 115 16.47 9.35 13.55
C ARG D 115 16.47 9.99 14.93
N GLU D 116 17.59 9.94 15.65
CA GLU D 116 17.84 10.82 16.83
C GLU D 116 17.42 12.24 16.45
N PRO D 117 16.35 12.81 17.07
CA PRO D 117 15.71 14.02 16.55
C PRO D 117 16.60 15.29 16.62
N PRO E 16 -5.67 -26.33 16.11
CA PRO E 16 -7.13 -26.11 16.10
C PRO E 16 -7.56 -24.97 15.17
N ARG E 17 -8.38 -25.28 14.16
CA ARG E 17 -8.83 -24.29 13.15
C ARG E 17 -9.68 -23.19 13.81
N VAL E 18 -10.34 -23.50 14.93
CA VAL E 18 -11.29 -22.57 15.62
C VAL E 18 -11.05 -22.61 17.13
N VAL E 19 -11.60 -21.62 17.85
CA VAL E 19 -11.54 -21.51 19.34
C VAL E 19 -12.68 -22.32 19.94
N PRO E 20 -12.51 -22.87 21.17
CA PRO E 20 -13.54 -23.68 21.81
C PRO E 20 -14.88 -22.93 21.96
N ASP E 21 -14.86 -21.73 22.55
CA ASP E 21 -16.05 -20.88 22.76
C ASP E 21 -16.20 -19.96 21.55
N GLN E 22 -16.56 -20.54 20.41
CA GLN E 22 -16.65 -19.84 19.10
C GLN E 22 -17.73 -18.76 19.20
N ARG E 23 -18.87 -19.10 19.78
CA ARG E 23 -20.04 -18.19 19.92
C ARG E 23 -19.68 -17.04 20.86
N SER E 24 -19.03 -17.36 21.99
CA SER E 24 -18.64 -16.40 23.05
C SER E 24 -17.72 -15.33 22.46
N LYS E 25 -16.63 -15.72 21.81
CA LYS E 25 -15.61 -14.78 21.28
C LYS E 25 -16.28 -13.74 20.38
N PHE E 26 -17.23 -14.16 19.52
CA PHE E 26 -17.94 -13.27 18.57
C PHE E 26 -18.80 -12.27 19.35
N GLU E 27 -19.37 -12.70 20.47
CA GLU E 27 -20.33 -11.91 21.29
C GLU E 27 -19.61 -11.31 22.51
N ASN E 28 -18.28 -11.20 22.47
CA ASN E 28 -17.48 -10.66 23.61
C ASN E 28 -16.31 -9.80 23.11
N GLU E 29 -15.74 -10.13 21.94
CA GLU E 29 -14.55 -9.44 21.39
C GLU E 29 -14.99 -8.12 20.75
N GLU E 30 -14.40 -7.01 21.21
CA GLU E 30 -14.57 -5.65 20.65
C GLU E 30 -14.37 -5.72 19.14
N PHE E 31 -13.39 -6.51 18.70
CA PHE E 31 -13.00 -6.68 17.28
C PHE E 31 -14.21 -7.10 16.43
N PHE E 32 -14.98 -8.10 16.90
CA PHE E 32 -16.12 -8.70 16.16
C PHE E 32 -17.35 -7.79 16.24
N ARG E 33 -17.76 -7.41 17.44
CA ARG E 33 -18.96 -6.55 17.67
C ARG E 33 -18.80 -5.20 16.96
N LYS E 34 -17.56 -4.72 16.83
CA LYS E 34 -17.24 -3.46 16.09
C LYS E 34 -17.53 -3.66 14.60
N LEU E 35 -17.72 -4.91 14.16
CA LEU E 35 -17.99 -5.26 12.74
C LEU E 35 -19.30 -6.04 12.60
N SER E 36 -20.08 -6.18 13.68
CA SER E 36 -21.40 -6.85 13.70
C SER E 36 -22.45 -5.93 13.04
N ARG E 37 -22.33 -4.61 13.24
CA ARG E 37 -23.23 -3.58 12.66
C ARG E 37 -22.83 -3.33 11.20
N GLU E 38 -23.79 -2.88 10.38
CA GLU E 38 -23.54 -2.46 8.97
C GLU E 38 -22.54 -1.30 9.00
N CYS E 39 -21.33 -1.52 8.47
CA CYS E 39 -20.22 -0.52 8.46
C CYS E 39 -19.95 -0.03 7.03
N GLU E 40 -19.09 0.99 6.90
CA GLU E 40 -18.64 1.57 5.61
C GLU E 40 -17.44 0.77 5.08
N ILE E 41 -17.60 0.14 3.91
CA ILE E 41 -16.55 -0.70 3.26
C ILE E 41 -16.17 -0.07 1.93
N LYS E 42 -15.13 -0.58 1.27
CA LYS E 42 -14.68 -0.12 -0.07
C LYS E 42 -13.69 -1.14 -0.66
N TYR E 43 -13.64 -1.21 -1.99
CA TYR E 43 -12.72 -2.07 -2.79
C TYR E 43 -11.28 -1.54 -2.69
N THR E 44 -10.32 -2.37 -2.30
CA THR E 44 -8.91 -1.95 -2.02
C THR E 44 -7.98 -2.42 -3.13
N GLY E 45 -8.49 -3.18 -4.11
CA GLY E 45 -7.70 -3.78 -5.20
C GLY E 45 -7.16 -2.71 -6.14
N PHE E 46 -5.91 -2.85 -6.58
CA PHE E 46 -5.29 -2.00 -7.63
C PHE E 46 -5.59 -0.53 -7.33
N ARG E 47 -5.02 0.00 -6.24
CA ARG E 47 -5.22 1.41 -5.79
C ARG E 47 -4.51 2.38 -6.75
N ASP E 48 -3.41 1.95 -7.36
CA ASP E 48 -2.57 2.79 -8.27
C ASP E 48 -3.05 2.69 -9.72
N ARG E 49 -4.35 2.41 -9.95
CA ARG E 49 -4.91 2.19 -11.31
C ARG E 49 -6.08 3.15 -11.56
N PRO E 50 -6.33 3.57 -12.83
CA PRO E 50 -7.42 4.48 -13.16
C PRO E 50 -8.79 3.90 -12.79
N HIS E 51 -9.71 4.76 -12.36
CA HIS E 51 -11.07 4.39 -11.87
C HIS E 51 -11.76 3.39 -12.80
N GLU E 52 -11.49 3.52 -14.11
CA GLU E 52 -12.10 2.66 -15.17
C GLU E 52 -11.62 1.21 -15.01
N GLU E 53 -10.29 1.00 -14.94
CA GLU E 53 -9.65 -0.34 -14.84
C GLU E 53 -10.12 -1.01 -13.54
N ARG E 54 -10.14 -0.25 -12.45
CA ARG E 54 -10.53 -0.74 -11.10
C ARG E 54 -11.97 -1.27 -11.16
N GLN E 55 -12.83 -0.61 -11.95
CA GLN E 55 -14.26 -0.96 -12.08
C GLN E 55 -14.39 -2.35 -12.75
N ALA E 56 -13.66 -2.58 -13.85
CA ALA E 56 -13.71 -3.84 -14.62
C ALA E 56 -13.11 -4.97 -13.78
N ARG E 57 -11.88 -4.78 -13.30
CA ARG E 57 -11.15 -5.76 -12.47
C ARG E 57 -12.09 -6.28 -11.37
N PHE E 58 -12.72 -5.35 -10.63
CA PHE E 58 -13.57 -5.67 -9.46
C PHE E 58 -14.80 -6.49 -9.88
N GLN E 59 -15.34 -6.24 -11.07
CA GLN E 59 -16.58 -6.91 -11.54
C GLN E 59 -16.21 -8.32 -12.03
N ASN E 60 -15.23 -8.42 -12.93
CA ASN E 60 -14.75 -9.71 -13.49
C ASN E 60 -14.38 -10.64 -12.33
N ALA E 61 -13.73 -10.09 -11.29
CA ALA E 61 -13.26 -10.84 -10.11
C ALA E 61 -14.47 -11.37 -9.32
N CYS E 62 -15.47 -10.52 -9.06
CA CYS E 62 -16.74 -10.88 -8.35
C CYS E 62 -17.36 -12.07 -9.09
N ARG E 63 -17.37 -12.00 -10.43
CA ARG E 63 -17.95 -13.06 -11.30
C ARG E 63 -17.13 -14.33 -11.11
N ASP E 64 -15.82 -14.19 -10.87
CA ASP E 64 -14.90 -15.32 -10.60
C ASP E 64 -15.12 -15.84 -9.17
N GLY E 65 -15.71 -15.01 -8.31
CA GLY E 65 -16.10 -15.37 -6.93
C GLY E 65 -15.05 -14.94 -5.92
N ARG E 66 -14.34 -13.83 -6.16
CA ARG E 66 -13.28 -13.32 -5.24
C ARG E 66 -13.21 -11.79 -5.32
N SER E 67 -12.56 -11.15 -4.34
CA SER E 67 -12.38 -9.68 -4.25
C SER E 67 -11.59 -9.30 -2.99
N GLU E 68 -11.30 -8.00 -2.82
CA GLU E 68 -10.60 -7.43 -1.64
C GLU E 68 -11.41 -6.24 -1.12
N ILE E 69 -12.10 -6.39 0.02
CA ILE E 69 -12.93 -5.31 0.63
C ILE E 69 -12.52 -5.12 2.09
N ALA E 70 -12.52 -3.88 2.56
CA ALA E 70 -11.99 -3.49 3.88
C ALA E 70 -12.93 -2.47 4.53
N PHE E 71 -13.15 -2.58 5.85
CA PHE E 71 -14.02 -1.67 6.66
C PHE E 71 -13.25 -0.37 6.94
N VAL E 72 -13.43 0.63 6.07
CA VAL E 72 -12.72 1.94 6.08
C VAL E 72 -12.59 2.45 7.52
N ALA E 73 -13.73 2.57 8.23
CA ALA E 73 -13.82 3.13 9.59
C ALA E 73 -12.77 2.50 10.51
N THR E 74 -12.80 1.16 10.67
CA THR E 74 -11.94 0.39 11.62
C THR E 74 -10.52 0.21 11.07
N GLY E 75 -10.35 0.14 9.74
CA GLY E 75 -9.05 -0.11 9.10
C GLY E 75 -8.86 -1.57 8.74
N THR E 76 -9.83 -2.44 9.02
CA THR E 76 -9.73 -3.92 8.85
C THR E 76 -9.92 -4.33 7.38
N ASN E 77 -8.89 -4.86 6.72
CA ASN E 77 -8.93 -5.33 5.31
C ASN E 77 -9.29 -6.82 5.27
N LEU E 78 -9.81 -7.31 4.12
CA LEU E 78 -10.11 -8.76 3.90
C LEU E 78 -9.98 -9.11 2.41
N SER E 79 -9.47 -10.30 2.12
CA SER E 79 -9.55 -10.96 0.79
C SER E 79 -10.69 -11.98 0.88
N LEU E 80 -11.71 -11.87 0.02
CA LEU E 80 -12.96 -12.69 0.11
C LEU E 80 -13.02 -13.74 -1.00
N GLN E 81 -13.71 -14.87 -0.74
CA GLN E 81 -13.99 -15.94 -1.74
C GLN E 81 -15.44 -16.38 -1.60
N PHE E 82 -16.28 -16.08 -2.58
CA PHE E 82 -17.77 -16.25 -2.55
C PHE E 82 -18.12 -17.66 -3.04
N PHE E 83 -17.88 -18.68 -2.20
CA PHE E 83 -18.03 -20.12 -2.55
C PHE E 83 -18.17 -20.97 -1.30
N PRO E 84 -17.94 -22.31 -1.38
CA PRO E 84 -17.91 -23.18 -0.20
C PRO E 84 -16.53 -23.12 0.50
N PRO E 95 -18.18 -19.30 -9.74
CA PRO E 95 -19.57 -18.92 -9.98
C PRO E 95 -20.52 -19.48 -8.90
N SER E 96 -21.45 -18.65 -8.42
CA SER E 96 -22.47 -19.01 -7.41
C SER E 96 -23.80 -18.29 -7.69
N ARG E 97 -24.65 -18.12 -6.67
CA ARG E 97 -26.00 -17.47 -6.80
C ARG E 97 -26.26 -16.59 -5.57
N GLU E 98 -26.31 -17.22 -4.38
CA GLU E 98 -26.62 -16.57 -3.09
C GLU E 98 -25.37 -15.89 -2.52
N TYR E 99 -24.21 -16.08 -3.16
CA TYR E 99 -22.89 -15.54 -2.70
C TYR E 99 -22.52 -14.29 -3.50
N VAL E 100 -22.95 -14.19 -4.75
CA VAL E 100 -22.63 -13.03 -5.63
C VAL E 100 -23.81 -12.80 -6.57
N ASP E 101 -24.78 -11.99 -6.14
CA ASP E 101 -26.00 -11.66 -6.91
C ASP E 101 -25.93 -10.22 -7.41
N LEU E 102 -26.03 -10.02 -8.73
CA LEU E 102 -26.00 -8.70 -9.39
C LEU E 102 -27.43 -8.35 -9.86
N GLU E 103 -28.46 -8.80 -9.15
CA GLU E 103 -29.87 -8.59 -9.56
C GLU E 103 -30.66 -7.88 -8.45
N ARG E 104 -30.41 -8.20 -7.19
CA ARG E 104 -31.13 -7.64 -6.02
C ARG E 104 -31.19 -6.11 -6.14
N GLU E 105 -30.27 -5.48 -6.88
CA GLU E 105 -30.30 -4.01 -7.14
C GLU E 105 -29.35 -3.64 -8.28
N ALA E 106 -29.74 -2.67 -9.12
CA ALA E 106 -28.97 -2.16 -10.28
C ALA E 106 -27.84 -1.26 -9.78
N GLY E 107 -26.66 -1.35 -10.42
CA GLY E 107 -25.49 -0.51 -10.15
C GLY E 107 -24.72 -0.95 -8.90
N LYS E 108 -24.94 -2.18 -8.43
CA LYS E 108 -24.23 -2.76 -7.25
C LYS E 108 -24.42 -4.28 -7.19
N VAL E 109 -23.71 -4.94 -6.27
CA VAL E 109 -23.69 -6.43 -6.13
C VAL E 109 -23.65 -6.79 -4.64
N TYR E 110 -24.37 -7.83 -4.24
CA TYR E 110 -24.44 -8.32 -2.84
C TYR E 110 -23.53 -9.53 -2.68
N MET E 115 -15.94 -17.54 6.06
CA MET E 115 -14.51 -17.75 6.37
C MET E 115 -14.34 -18.03 7.87
N ILE E 116 -13.10 -18.29 8.28
CA ILE E 116 -12.71 -18.44 9.71
C ILE E 116 -11.83 -17.26 10.09
N LEU E 117 -12.42 -16.26 10.75
CA LEU E 117 -11.69 -15.05 11.22
C LEU E 117 -11.29 -15.26 12.68
N ASN E 118 -10.00 -15.33 12.95
CA ASN E 118 -9.48 -15.42 14.34
C ASN E 118 -10.16 -16.61 15.05
N GLY E 119 -10.25 -17.77 14.38
CA GLY E 119 -10.82 -19.01 14.93
C GLY E 119 -12.33 -18.92 15.16
N VAL E 120 -13.02 -18.09 14.40
CA VAL E 120 -14.50 -17.92 14.51
C VAL E 120 -15.11 -18.01 13.11
N CYS E 121 -15.84 -19.10 12.86
CA CYS E 121 -16.65 -19.30 11.62
C CYS E 121 -17.64 -18.13 11.50
N VAL E 122 -17.47 -17.29 10.49
CA VAL E 122 -18.33 -16.09 10.27
C VAL E 122 -18.69 -16.03 8.78
N ILE E 123 -19.65 -15.17 8.44
CA ILE E 123 -20.05 -14.88 7.02
C ILE E 123 -20.06 -13.37 6.81
N TRP E 127 -22.71 -4.96 0.24
CA TRP E 127 -22.90 -4.54 -1.18
C TRP E 127 -21.89 -3.47 -1.56
N ILE E 128 -21.49 -3.45 -2.84
CA ILE E 128 -20.54 -2.44 -3.39
C ILE E 128 -21.15 -1.83 -4.65
N ASP E 129 -21.02 -0.51 -4.80
CA ASP E 129 -21.50 0.24 -5.99
C ASP E 129 -20.56 -0.09 -7.16
N LEU E 130 -21.10 -0.71 -8.21
CA LEU E 130 -20.32 -1.14 -9.41
C LEU E 130 -19.63 0.08 -10.07
N GLN E 131 -19.97 1.30 -9.66
CA GLN E 131 -19.34 2.54 -10.21
C GLN E 131 -18.40 3.17 -9.17
N ARG E 132 -18.86 3.37 -7.94
CA ARG E 132 -18.10 4.05 -6.85
C ARG E 132 -17.09 3.09 -6.23
N LEU E 133 -17.27 1.77 -6.42
CA LEU E 133 -16.41 0.70 -5.85
C LEU E 133 -16.36 0.82 -4.31
N ASP E 134 -17.47 1.25 -3.69
CA ASP E 134 -17.61 1.38 -2.22
C ASP E 134 -19.02 0.93 -1.83
N GLY E 135 -19.30 0.83 -0.52
CA GLY E 135 -20.66 0.52 -0.03
C GLY E 135 -20.71 0.20 1.45
N MET E 136 -21.54 -0.78 1.82
CA MET E 136 -21.79 -1.17 3.24
C MET E 136 -21.69 -2.70 3.35
N GLY E 137 -21.39 -3.21 4.54
CA GLY E 137 -21.30 -4.65 4.84
C GLY E 137 -21.02 -4.88 6.30
N CYS E 138 -20.97 -6.15 6.73
CA CYS E 138 -20.75 -6.52 8.15
C CYS E 138 -20.44 -8.02 8.27
N LEU E 139 -20.18 -8.48 9.50
CA LEU E 139 -19.91 -9.90 9.82
C LEU E 139 -21.17 -10.54 10.41
N GLU E 140 -21.32 -11.85 10.26
CA GLU E 140 -22.43 -12.64 10.86
C GLU E 140 -21.90 -14.01 11.29
N PHE E 141 -21.98 -14.30 12.59
CA PHE E 141 -21.59 -15.59 13.21
C PHE E 141 -22.23 -16.72 12.41
N ASP E 142 -21.43 -17.75 12.07
CA ASP E 142 -21.89 -18.92 11.27
C ASP E 142 -22.10 -20.10 12.23
N GLU E 143 -23.32 -20.22 12.77
CA GLU E 143 -23.74 -21.31 13.69
C GLU E 143 -23.47 -22.66 13.01
N GLU E 144 -23.92 -22.80 11.75
CA GLU E 144 -23.81 -24.05 10.94
C GLU E 144 -22.38 -24.59 11.00
N ARG E 145 -21.43 -23.87 10.40
CA ARG E 145 -20.01 -24.31 10.30
C ARG E 145 -19.37 -24.35 11.69
N ALA E 146 -19.75 -23.43 12.59
CA ALA E 146 -19.23 -23.38 13.98
C ALA E 146 -19.39 -24.78 14.58
N GLN E 147 -20.53 -25.43 14.28
CA GLN E 147 -20.85 -26.79 14.75
C GLN E 147 -19.99 -27.81 13.99
N GLN E 148 -20.05 -27.81 12.66
CA GLN E 148 -19.30 -28.74 11.77
C GLN E 148 -17.82 -28.74 12.18
N GLU E 149 -17.24 -27.54 12.34
CA GLU E 149 -15.81 -27.33 12.66
C GLU E 149 -15.53 -27.81 14.08
N ASP E 150 -16.37 -27.40 15.03
CA ASP E 150 -16.24 -27.77 16.46
C ASP E 150 -16.29 -29.30 16.58
N ALA E 151 -17.11 -29.94 15.73
CA ALA E 151 -17.32 -31.41 15.69
C ALA E 151 -16.03 -32.11 15.26
N LEU E 152 -15.16 -31.44 14.48
CA LEU E 152 -13.86 -32.00 14.04
C LEU E 152 -12.84 -31.95 15.19
N ALA E 153 -13.29 -32.21 16.43
CA ALA E 153 -12.46 -32.25 17.64
C ALA E 153 -13.19 -33.03 18.75
#